data_1TCS
#
_entry.id   1TCS
#
_cell.length_a   38.390
_cell.length_b   76.810
_cell.length_c   79.930
_cell.angle_alpha   90.00
_cell.angle_beta   90.00
_cell.angle_gamma   90.00
#
_symmetry.space_group_name_H-M   'P 21 21 21'
#
loop_
_entity.id
_entity.type
_entity.pdbx_description
1 polymer TRICHOSANTHIN
2 non-polymer 'NADPH DIHYDRO-NICOTINAMIDE-ADENINE-DINUCLEOTIDE PHOSPHATE'
3 water water
#
_entity_poly.entity_id   1
_entity_poly.type   'polypeptide(L)'
_entity_poly.pdbx_seq_one_letter_code
;DVSFRLSGATSSSYGVFISNLRKALPNERKLYDIPLLRSSLPGSQRYALIHLTNYADETISVAIDVTNVYIMGYRAGDTS
YFFNEASATEAAKYVFKDAMRKVTLPYSGNYERLQTAAGKIRENIPLGLPALDSAITTLFYYNANSAASALMVLIQSTSE
AARYKFIEQQIGKRVDKTFLPSLAIISLENSWSALSKQIQIASTNNGQFESPVVLINAQNQRVTITNVDAGVVTSNIALL
LNRNNMA
;
_entity_poly.pdbx_strand_id   A
#
# COMPACT_ATOMS: atom_id res chain seq x y z
N ASP A 1 11.78 3.61 11.71
CA ASP A 1 10.36 3.17 11.82
C ASP A 1 9.59 4.48 11.49
N VAL A 2 8.30 4.37 11.06
CA VAL A 2 7.46 5.53 10.81
C VAL A 2 6.19 5.34 11.72
N SER A 3 5.58 6.41 12.22
CA SER A 3 4.38 6.20 13.04
C SER A 3 3.26 7.10 12.58
N PHE A 4 2.06 6.72 12.90
CA PHE A 4 0.87 7.57 12.64
C PHE A 4 -0.08 7.30 13.87
N ARG A 5 -0.60 8.32 14.47
CA ARG A 5 -1.57 8.24 15.52
C ARG A 5 -2.87 8.89 15.00
N LEU A 6 -4.01 8.21 15.14
CA LEU A 6 -5.34 8.73 14.72
C LEU A 6 -5.96 9.74 15.66
N SER A 7 -5.71 9.69 16.96
CA SER A 7 -6.21 10.69 17.92
C SER A 7 -5.59 12.04 17.61
N GLY A 8 -6.35 13.02 17.21
CA GLY A 8 -5.92 14.37 16.80
C GLY A 8 -5.43 14.41 15.38
N ALA A 9 -5.71 13.37 14.56
CA ALA A 9 -5.24 13.35 13.18
C ALA A 9 -5.97 14.35 12.32
N THR A 10 -5.25 14.89 11.39
CA THR A 10 -5.83 15.89 10.42
C THR A 10 -5.45 15.43 9.04
N SER A 11 -5.96 16.03 8.02
CA SER A 11 -5.50 15.79 6.63
C SER A 11 -3.98 15.98 6.50
N SER A 12 -3.53 17.13 7.04
CA SER A 12 -2.12 17.42 7.04
C SER A 12 -1.25 16.41 7.71
N SER A 13 -1.63 15.85 8.85
CA SER A 13 -0.87 14.95 9.62
C SER A 13 -0.77 13.55 8.89
N TYR A 14 -1.84 13.27 8.19
CA TYR A 14 -1.85 12.00 7.37
C TYR A 14 -0.95 12.21 6.15
N GLY A 15 -0.93 13.41 5.60
CA GLY A 15 0.05 13.76 4.52
C GLY A 15 1.48 13.63 5.02
N VAL A 16 1.76 14.07 6.24
CA VAL A 16 3.12 13.93 6.76
C VAL A 16 3.51 12.42 6.93
N PHE A 17 2.55 11.65 7.40
CA PHE A 17 2.86 10.18 7.58
C PHE A 17 3.09 9.55 6.23
N ILE A 18 2.33 9.83 5.23
CA ILE A 18 2.58 9.13 3.89
C ILE A 18 3.94 9.66 3.30
N SER A 19 4.24 10.94 3.35
CA SER A 19 5.61 11.38 2.88
C SER A 19 6.73 10.76 3.72
N ASN A 20 6.61 10.59 5.01
CA ASN A 20 7.62 9.91 5.83
C ASN A 20 7.81 8.46 5.40
N LEU A 21 6.73 7.80 5.05
CA LEU A 21 6.77 6.41 4.54
C LEU A 21 7.45 6.38 3.18
N ARG A 22 7.14 7.25 2.31
CA ARG A 22 7.89 7.31 1.02
C ARG A 22 9.40 7.54 1.30
N LYS A 23 9.75 8.44 2.17
CA LYS A 23 11.16 8.69 2.55
C LYS A 23 11.84 7.53 3.13
N ALA A 24 11.29 6.54 3.73
CA ALA A 24 11.87 5.36 4.30
C ALA A 24 12.25 4.32 3.25
N LEU A 25 11.81 4.49 1.99
CA LEU A 25 12.12 3.49 0.97
C LEU A 25 13.37 3.90 0.12
N PRO A 26 14.36 3.01 0.11
CA PRO A 26 15.60 3.31 -0.62
C PRO A 26 15.33 3.30 -2.11
N ASN A 27 16.10 4.14 -2.87
CA ASN A 27 15.75 4.10 -4.31
C ASN A 27 17.00 3.85 -5.21
N GLU A 28 16.73 3.17 -6.37
CA GLU A 28 17.86 2.95 -7.26
C GLU A 28 18.40 4.32 -7.63
N ARG A 29 17.57 5.10 -8.29
CA ARG A 29 17.69 6.44 -8.81
C ARG A 29 16.24 6.96 -9.06
N LYS A 30 16.15 8.03 -9.80
CA LYS A 30 14.85 8.63 -10.20
C LYS A 30 14.63 8.59 -11.71
N LEU A 31 13.45 8.39 -12.19
CA LEU A 31 13.14 8.40 -13.66
C LEU A 31 11.98 9.41 -13.69
N TYR A 32 12.19 10.43 -14.51
CA TYR A 32 11.16 11.50 -14.61
C TYR A 32 10.82 12.03 -13.28
N ASP A 33 11.76 12.14 -12.37
CA ASP A 33 11.60 12.68 -11.01
C ASP A 33 10.82 11.76 -10.06
N ILE A 34 10.70 10.54 -10.47
CA ILE A 34 9.98 9.57 -9.65
C ILE A 34 10.98 8.58 -9.15
N PRO A 35 10.97 8.24 -7.90
CA PRO A 35 11.97 7.27 -7.34
C PRO A 35 11.77 5.89 -7.85
N LEU A 36 12.79 5.20 -8.27
CA LEU A 36 12.76 3.81 -8.75
C LEU A 36 13.20 2.98 -7.52
N LEU A 37 12.28 2.05 -7.10
CA LEU A 37 12.60 1.20 -5.97
C LEU A 37 13.72 0.23 -6.35
N ARG A 38 14.40 -0.27 -5.35
CA ARG A 38 15.52 -1.24 -5.51
C ARG A 38 15.02 -2.56 -5.90
N SER A 39 15.87 -3.36 -6.56
CA SER A 39 15.42 -4.69 -6.99
C SER A 39 15.76 -5.73 -6.02
N SER A 40 16.75 -5.57 -5.16
CA SER A 40 16.96 -6.73 -4.22
C SER A 40 17.64 -6.09 -3.02
N LEU A 41 17.41 -6.51 -1.77
CA LEU A 41 18.18 -5.88 -0.67
C LEU A 41 18.37 -7.02 0.30
N PRO A 42 19.48 -7.00 1.04
CA PRO A 42 19.67 -8.07 2.03
C PRO A 42 18.47 -7.96 3.00
N GLY A 43 18.26 -9.09 3.70
CA GLY A 43 17.21 -9.10 4.70
C GLY A 43 17.30 -8.09 5.80
N SER A 44 18.45 -7.71 6.26
CA SER A 44 18.66 -6.71 7.30
C SER A 44 18.35 -5.34 6.79
N GLN A 45 18.22 -5.09 5.52
CA GLN A 45 17.86 -3.71 5.05
C GLN A 45 16.44 -3.80 4.42
N ARG A 46 15.76 -4.91 4.35
CA ARG A 46 14.64 -5.04 3.47
C ARG A 46 13.23 -4.67 4.00
N TYR A 47 13.07 -4.58 5.30
CA TYR A 47 11.71 -4.38 5.87
C TYR A 47 11.73 -3.09 6.59
N ALA A 48 10.61 -2.47 6.71
CA ALA A 48 10.53 -1.17 7.48
C ALA A 48 9.21 -1.45 8.36
N LEU A 49 9.30 -0.86 9.53
CA LEU A 49 8.12 -1.02 10.47
C LEU A 49 7.33 0.30 10.53
N ILE A 50 6.00 0.19 10.56
CA ILE A 50 5.08 1.31 10.65
C ILE A 50 4.31 1.08 11.92
N HIS A 51 4.17 2.03 12.83
CA HIS A 51 3.35 1.72 14.05
C HIS A 51 2.08 2.55 13.90
N LEU A 52 0.92 2.00 14.08
CA LEU A 52 -0.34 2.73 13.87
C LEU A 52 -1.13 2.62 15.17
N THR A 53 -1.58 3.82 15.58
CA THR A 53 -2.34 3.73 16.90
C THR A 53 -3.73 4.31 16.65
N ASN A 54 -4.74 3.62 17.16
CA ASN A 54 -6.15 4.06 16.92
C ASN A 54 -6.63 5.00 17.99
N TYR A 55 -7.91 5.46 17.84
CA TYR A 55 -8.41 6.53 18.80
C TYR A 55 -8.39 6.06 20.23
N ALA A 56 -8.47 4.81 20.57
CA ALA A 56 -8.45 4.20 21.89
C ALA A 56 -7.02 3.89 22.37
N ASP A 57 -6.08 4.37 21.60
CA ASP A 57 -4.66 4.11 21.99
C ASP A 57 -4.24 2.70 21.82
N GLU A 58 -4.89 1.99 20.90
CA GLU A 58 -4.50 0.60 20.70
C GLU A 58 -3.52 0.63 19.53
N THR A 59 -2.37 -0.04 19.69
CA THR A 59 -1.40 0.06 18.48
C THR A 59 -1.07 -1.23 17.83
N ILE A 60 -0.85 -1.26 16.51
CA ILE A 60 -0.36 -2.50 15.79
C ILE A 60 0.93 -1.96 15.07
N SER A 61 1.88 -2.77 14.76
CA SER A 61 3.14 -2.51 14.03
C SER A 61 3.06 -3.41 12.74
N VAL A 62 3.28 -2.76 11.61
CA VAL A 62 3.07 -3.47 10.34
C VAL A 62 4.42 -3.59 9.56
N ALA A 63 4.75 -4.80 9.08
CA ALA A 63 6.11 -4.90 8.37
C ALA A 63 5.86 -4.77 6.88
N ILE A 64 6.65 -3.95 6.20
CA ILE A 64 6.56 -3.74 4.79
C ILE A 64 7.94 -4.10 4.07
N ASP A 65 7.82 -4.71 2.97
CA ASP A 65 9.05 -4.98 2.11
C ASP A 65 9.33 -3.65 1.40
N VAL A 66 10.42 -3.00 1.60
CA VAL A 66 10.79 -1.70 0.94
C VAL A 66 11.10 -1.91 -0.54
N THR A 67 11.11 -2.98 -1.18
CA THR A 67 11.37 -3.04 -2.64
C THR A 67 10.07 -2.95 -3.40
N ASN A 68 8.96 -3.33 -2.76
CA ASN A 68 7.66 -3.31 -3.49
C ASN A 68 6.45 -2.76 -2.63
N VAL A 69 6.83 -2.23 -1.44
CA VAL A 69 5.70 -1.67 -0.56
C VAL A 69 4.67 -2.67 -0.16
N TYR A 70 4.78 -3.94 -0.26
CA TYR A 70 3.81 -4.98 0.11
C TYR A 70 3.90 -5.20 1.61
N ILE A 71 2.71 -5.24 2.20
CA ILE A 71 2.65 -5.57 3.65
C ILE A 71 2.93 -7.05 3.87
N MET A 72 3.86 -7.40 4.71
CA MET A 72 4.20 -8.86 4.98
C MET A 72 3.37 -9.39 6.16
N GLY A 73 3.09 -8.52 7.14
CA GLY A 73 2.35 -9.17 8.35
C GLY A 73 2.28 -8.03 9.36
N TYR A 74 1.80 -8.23 10.55
CA TYR A 74 1.64 -7.26 11.59
C TYR A 74 1.69 -7.90 12.94
N ARG A 75 1.95 -7.13 13.95
CA ARG A 75 2.02 -7.60 15.32
C ARG A 75 1.04 -6.80 16.23
N ALA A 76 0.33 -7.53 17.05
CA ALA A 76 -0.59 -6.93 18.07
C ALA A 76 -0.18 -7.59 19.38
N GLY A 77 0.48 -6.77 20.20
CA GLY A 77 0.96 -7.30 21.46
C GLY A 77 1.97 -8.36 21.28
N ASP A 78 1.74 -9.53 21.81
CA ASP A 78 2.75 -10.60 21.70
C ASP A 78 2.49 -11.56 20.58
N THR A 79 1.56 -11.25 19.71
CA THR A 79 1.28 -12.18 18.63
C THR A 79 1.66 -11.60 17.29
N SER A 80 2.20 -12.34 16.32
CA SER A 80 2.51 -11.77 15.02
C SER A 80 1.61 -12.49 14.02
N TYR A 81 1.21 -11.85 12.96
CA TYR A 81 0.38 -12.50 11.91
C TYR A 81 1.15 -12.25 10.58
N PHE A 82 1.20 -13.31 9.82
CA PHE A 82 1.92 -13.15 8.52
C PHE A 82 1.02 -13.70 7.42
N PHE A 83 1.06 -13.09 6.25
CA PHE A 83 0.33 -13.67 5.09
C PHE A 83 0.95 -15.03 4.71
N ASN A 84 0.16 -15.83 3.99
CA ASN A 84 0.53 -17.23 3.61
C ASN A 84 1.13 -17.15 2.22
N GLU A 85 2.37 -16.76 2.26
CA GLU A 85 3.12 -16.61 1.02
C GLU A 85 4.61 -16.56 1.34
N ALA A 86 5.39 -17.08 0.41
CA ALA A 86 6.88 -17.17 0.42
C ALA A 86 7.65 -15.98 0.90
N SER A 87 7.38 -14.79 0.33
CA SER A 87 7.97 -13.55 0.83
C SER A 87 7.65 -13.27 2.27
N ALA A 88 6.42 -13.62 2.73
CA ALA A 88 6.12 -13.32 4.17
C ALA A 88 6.86 -14.31 5.03
N THR A 89 7.01 -15.52 4.45
CA THR A 89 7.83 -16.52 5.23
C THR A 89 9.26 -16.08 5.38
N GLU A 90 9.82 -15.44 4.34
CA GLU A 90 11.17 -14.87 4.47
C GLU A 90 11.24 -13.74 5.46
N ALA A 91 10.26 -12.79 5.39
CA ALA A 91 10.17 -11.66 6.35
C ALA A 91 10.13 -12.10 7.82
N ALA A 92 9.50 -13.27 8.10
CA ALA A 92 9.38 -13.69 9.52
C ALA A 92 10.72 -14.07 10.17
N LYS A 93 11.72 -14.25 9.32
CA LYS A 93 13.09 -14.61 9.78
C LYS A 93 13.76 -13.37 10.28
N TYR A 94 13.24 -12.23 9.76
CA TYR A 94 13.82 -10.92 10.14
C TYR A 94 13.09 -9.99 11.04
N VAL A 95 11.74 -9.93 11.06
CA VAL A 95 10.99 -9.04 11.90
C VAL A 95 10.11 -9.71 12.98
N PHE A 96 9.85 -9.02 14.03
CA PHE A 96 8.93 -9.42 15.14
C PHE A 96 9.43 -10.74 15.75
N LYS A 97 10.79 -10.78 15.82
CA LYS A 97 11.31 -12.08 16.34
C LYS A 97 10.98 -12.31 17.79
N ASP A 98 10.69 -11.29 18.52
CA ASP A 98 10.43 -11.56 19.96
C ASP A 98 8.96 -11.74 20.33
N ALA A 99 8.11 -12.02 19.32
CA ALA A 99 6.68 -12.25 19.55
C ALA A 99 6.60 -13.70 20.07
N MET A 100 5.74 -13.97 20.98
CA MET A 100 5.53 -15.27 21.60
C MET A 100 4.84 -16.33 20.79
N ARG A 101 3.96 -15.92 19.89
CA ARG A 101 3.20 -16.74 18.98
C ARG A 101 3.17 -15.99 17.63
N LYS A 102 3.16 -16.77 16.63
CA LYS A 102 3.15 -16.46 15.20
C LYS A 102 2.00 -17.19 14.59
N VAL A 103 1.13 -16.48 13.91
CA VAL A 103 -0.03 -17.00 13.26
C VAL A 103 0.12 -16.76 11.74
N THR A 104 -0.10 -17.81 10.97
CA THR A 104 -0.11 -17.75 9.51
C THR A 104 -1.55 -17.53 9.04
N LEU A 105 -1.82 -16.39 8.42
CA LEU A 105 -3.21 -16.15 7.93
C LEU A 105 -3.50 -17.20 6.84
N PRO A 106 -4.73 -17.56 6.57
CA PRO A 106 -5.06 -18.51 5.56
C PRO A 106 -5.04 -17.94 4.20
N TYR A 107 -4.59 -16.76 3.91
CA TYR A 107 -4.56 -16.24 2.57
C TYR A 107 -3.20 -15.54 2.37
N SER A 108 -2.99 -15.29 1.11
CA SER A 108 -1.74 -14.49 0.73
C SER A 108 -2.32 -13.11 0.71
N GLY A 109 -1.54 -12.08 0.59
CA GLY A 109 -1.82 -10.73 0.47
C GLY A 109 -2.41 -10.15 -0.77
N ASN A 110 -2.85 -10.92 -1.77
CA ASN A 110 -3.39 -10.25 -2.96
C ASN A 110 -4.90 -10.03 -2.87
N TYR A 111 -5.30 -9.01 -3.62
CA TYR A 111 -6.70 -8.56 -3.51
C TYR A 111 -7.66 -9.64 -3.96
N GLU A 112 -7.32 -10.44 -5.01
CA GLU A 112 -8.32 -11.45 -5.39
C GLU A 112 -8.51 -12.41 -4.23
N ARG A 113 -7.52 -12.75 -3.44
CA ARG A 113 -7.74 -13.60 -2.31
C ARG A 113 -8.51 -12.90 -1.18
N LEU A 114 -8.10 -11.65 -0.81
CA LEU A 114 -8.71 -10.95 0.26
C LEU A 114 -10.18 -10.65 0.04
N GLN A 115 -10.58 -10.29 -1.19
CA GLN A 115 -11.96 -9.98 -1.52
C GLN A 115 -12.85 -11.24 -1.28
N THR A 116 -12.32 -12.37 -1.60
CA THR A 116 -12.90 -13.71 -1.46
C THR A 116 -13.18 -14.00 -0.01
N ALA A 117 -12.18 -13.87 0.78
CA ALA A 117 -12.23 -14.07 2.25
C ALA A 117 -13.15 -13.03 2.87
N ALA A 118 -13.14 -11.75 2.44
CA ALA A 118 -14.07 -10.81 3.05
C ALA A 118 -15.46 -10.98 2.56
N GLY A 119 -15.70 -11.60 1.43
CA GLY A 119 -17.01 -11.63 0.79
C GLY A 119 -17.46 -10.25 0.36
N LYS A 120 -16.63 -9.23 0.04
CA LYS A 120 -16.99 -7.87 -0.29
C LYS A 120 -15.89 -7.37 -1.35
N ILE A 121 -16.26 -6.66 -2.35
CA ILE A 121 -15.20 -6.16 -3.33
C ILE A 121 -14.74 -4.85 -2.79
N ARG A 122 -13.61 -4.34 -3.32
CA ARG A 122 -13.05 -3.07 -2.85
C ARG A 122 -13.96 -1.88 -2.98
N GLU A 123 -14.77 -1.76 -4.04
CA GLU A 123 -15.61 -0.57 -4.22
C GLU A 123 -16.68 -0.49 -3.13
N ASN A 124 -16.98 -1.54 -2.40
CA ASN A 124 -18.05 -1.38 -1.35
C ASN A 124 -17.47 -1.42 0.04
N ILE A 125 -16.13 -1.23 0.13
CA ILE A 125 -15.51 -1.20 1.48
C ILE A 125 -15.10 0.22 1.82
N PRO A 126 -15.66 0.87 2.88
CA PRO A 126 -15.35 2.23 3.16
C PRO A 126 -13.82 2.49 3.51
N LEU A 127 -13.45 3.72 3.01
CA LEU A 127 -12.07 4.17 3.32
C LEU A 127 -12.21 5.54 4.03
N GLY A 128 -11.11 6.00 4.59
CA GLY A 128 -11.06 7.30 5.27
C GLY A 128 -10.43 7.14 6.66
N LEU A 129 -10.08 8.14 7.39
CA LEU A 129 -9.50 7.91 8.73
C LEU A 129 -10.25 7.04 9.70
N PRO A 130 -11.60 7.27 9.89
CA PRO A 130 -12.38 6.56 10.78
C PRO A 130 -12.44 5.09 10.35
N ALA A 131 -12.32 4.73 9.03
CA ALA A 131 -12.31 3.38 8.59
C ALA A 131 -10.92 2.79 8.98
N LEU A 132 -9.82 3.64 9.01
CA LEU A 132 -8.54 3.08 9.42
C LEU A 132 -8.60 2.76 10.94
N ASP A 133 -9.21 3.70 11.71
CA ASP A 133 -9.36 3.43 13.20
C ASP A 133 -9.99 2.06 13.37
N SER A 134 -11.11 1.81 12.64
CA SER A 134 -11.83 0.57 12.74
C SER A 134 -11.05 -0.65 12.37
N ALA A 135 -10.23 -0.56 11.29
CA ALA A 135 -9.33 -1.68 10.84
C ALA A 135 -8.29 -1.97 11.89
N ILE A 136 -7.75 -0.92 12.48
CA ILE A 136 -6.77 -1.13 13.58
C ILE A 136 -7.34 -1.98 14.67
N THR A 137 -8.60 -1.52 15.05
CA THR A 137 -9.27 -2.25 16.15
C THR A 137 -9.48 -3.66 15.82
N THR A 138 -10.07 -3.92 14.62
CA THR A 138 -10.36 -5.31 14.24
C THR A 138 -9.18 -6.21 14.23
N LEU A 139 -8.03 -5.77 13.68
CA LEU A 139 -6.77 -6.55 13.66
C LEU A 139 -6.11 -6.62 15.02
N PHE A 140 -6.14 -5.63 15.93
CA PHE A 140 -5.66 -5.72 17.31
C PHE A 140 -6.36 -6.82 18.15
N TYR A 141 -7.65 -6.96 18.00
CA TYR A 141 -8.53 -7.98 18.65
C TYR A 141 -8.95 -8.95 17.54
N TYR A 142 -7.95 -9.47 16.91
CA TYR A 142 -8.04 -10.35 15.76
C TYR A 142 -9.34 -11.18 15.74
N ASN A 143 -10.12 -10.92 14.74
CA ASN A 143 -11.38 -11.65 14.50
C ASN A 143 -11.19 -12.21 13.09
N ALA A 144 -10.99 -13.50 13.06
CA ALA A 144 -10.81 -14.18 11.79
C ALA A 144 -11.85 -13.75 10.77
N ASN A 145 -13.14 -13.65 11.15
CA ASN A 145 -14.19 -13.32 10.22
C ASN A 145 -14.19 -11.89 9.68
N SER A 146 -13.46 -11.05 10.36
CA SER A 146 -13.43 -9.66 9.98
C SER A 146 -12.12 -9.11 9.49
N ALA A 147 -11.08 -9.93 9.59
CA ALA A 147 -9.76 -9.48 9.19
C ALA A 147 -9.47 -9.14 7.78
N ALA A 148 -9.93 -9.89 6.75
CA ALA A 148 -9.61 -9.60 5.39
C ALA A 148 -10.05 -8.29 4.95
N SER A 149 -11.27 -7.88 5.43
CA SER A 149 -11.66 -6.51 4.95
C SER A 149 -10.90 -5.50 5.73
N ALA A 150 -10.47 -5.72 6.93
CA ALA A 150 -9.73 -4.76 7.72
C ALA A 150 -8.31 -4.64 7.04
N LEU A 151 -7.79 -5.76 6.58
CA LEU A 151 -6.49 -5.72 5.88
C LEU A 151 -6.65 -4.95 4.59
N MET A 152 -7.76 -4.98 3.90
CA MET A 152 -7.82 -4.18 2.66
C MET A 152 -7.80 -2.70 2.96
N VAL A 153 -8.45 -2.32 4.02
CA VAL A 153 -8.40 -0.88 4.41
C VAL A 153 -6.94 -0.55 4.79
N LEU A 154 -6.35 -1.44 5.54
CA LEU A 154 -4.93 -1.19 5.92
C LEU A 154 -4.08 -1.00 4.67
N ILE A 155 -4.13 -1.91 3.67
CA ILE A 155 -3.24 -1.82 2.51
C ILE A 155 -3.53 -0.56 1.70
N GLN A 156 -4.78 -0.24 1.54
CA GLN A 156 -5.06 0.91 0.67
C GLN A 156 -4.66 2.18 1.39
N SER A 157 -4.65 2.23 2.70
CA SER A 157 -4.32 3.45 3.44
C SER A 157 -2.80 3.62 3.69
N THR A 158 -2.04 2.62 3.31
CA THR A 158 -0.56 2.71 3.56
C THR A 158 0.12 2.52 2.24
N SER A 159 0.28 1.26 1.82
CA SER A 159 0.95 1.12 0.51
C SER A 159 0.40 1.87 -0.64
N GLU A 160 -1.02 1.82 -0.85
CA GLU A 160 -1.55 2.39 -2.04
C GLU A 160 -1.53 3.87 -2.04
N ALA A 161 -1.60 4.44 -0.83
CA ALA A 161 -1.51 5.94 -0.70
C ALA A 161 -0.08 6.35 -1.01
N ALA A 162 0.92 5.55 -0.54
CA ALA A 162 2.31 5.86 -0.82
C ALA A 162 2.62 5.79 -2.32
N ARG A 163 1.96 4.85 -2.99
CA ARG A 163 2.29 4.76 -4.45
C ARG A 163 1.70 5.87 -5.25
N TYR A 164 0.53 6.42 -4.87
CA TYR A 164 -0.08 7.46 -5.72
C TYR A 164 -0.66 8.67 -4.96
N LYS A 165 -0.27 9.87 -5.46
CA LYS A 165 -0.70 11.08 -4.71
C LYS A 165 -2.28 11.22 -4.68
N PHE A 166 -2.89 10.69 -5.72
CA PHE A 166 -4.35 10.92 -5.75
C PHE A 166 -5.00 10.05 -4.67
N ILE A 167 -4.51 8.88 -4.42
CA ILE A 167 -5.06 7.99 -3.38
C ILE A 167 -4.80 8.60 -2.00
N GLU A 168 -3.54 9.02 -1.83
CA GLU A 168 -3.20 9.72 -0.56
C GLU A 168 -4.16 10.89 -0.37
N GLN A 169 -4.45 11.84 -1.29
CA GLN A 169 -5.30 12.97 -1.08
C GLN A 169 -6.76 12.59 -0.87
N GLN A 170 -7.16 11.55 -1.56
CA GLN A 170 -8.66 11.22 -1.32
C GLN A 170 -8.80 10.70 0.05
N ILE A 171 -8.01 9.79 0.53
CA ILE A 171 -8.06 9.24 1.85
C ILE A 171 -7.89 10.29 2.96
N GLY A 172 -6.85 11.08 2.89
CA GLY A 172 -6.51 12.11 3.94
C GLY A 172 -7.62 13.13 4.10
N LYS A 173 -8.38 13.33 3.01
CA LYS A 173 -9.47 14.29 3.11
C LYS A 173 -10.63 13.80 4.02
N ARG A 174 -10.82 12.49 4.21
CA ARG A 174 -11.98 12.06 5.03
C ARG A 174 -11.47 11.96 6.44
N VAL A 175 -11.53 12.95 7.33
CA VAL A 175 -11.04 12.91 8.71
C VAL A 175 -12.17 12.42 9.64
N ASP A 176 -13.38 12.89 9.44
CA ASP A 176 -14.48 12.44 10.36
C ASP A 176 -15.58 11.75 9.58
N LYS A 177 -15.38 11.36 8.37
CA LYS A 177 -16.36 10.68 7.58
C LYS A 177 -15.63 9.54 6.82
N THR A 178 -16.46 8.83 6.10
CA THR A 178 -16.03 7.67 5.23
C THR A 178 -16.62 7.78 3.88
N PHE A 179 -15.92 7.18 2.88
CA PHE A 179 -16.34 7.12 1.48
C PHE A 179 -16.00 5.84 0.83
N LEU A 180 -16.67 5.49 -0.23
CA LEU A 180 -16.44 4.30 -1.05
C LEU A 180 -15.52 4.76 -2.17
N PRO A 181 -14.46 4.03 -2.41
CA PRO A 181 -13.52 4.43 -3.55
C PRO A 181 -14.15 4.30 -4.90
N SER A 182 -13.88 5.28 -5.75
CA SER A 182 -14.38 5.21 -7.18
C SER A 182 -13.56 4.23 -8.04
N LEU A 183 -13.95 3.96 -9.22
CA LEU A 183 -13.09 2.97 -9.99
C LEU A 183 -11.74 3.66 -10.37
N ALA A 184 -11.65 4.97 -10.33
CA ALA A 184 -10.31 5.63 -10.64
C ALA A 184 -9.41 5.05 -9.54
N ILE A 185 -9.77 4.99 -8.29
CA ILE A 185 -8.86 4.39 -7.29
C ILE A 185 -8.50 2.97 -7.50
N ILE A 186 -9.48 2.19 -7.80
CA ILE A 186 -9.32 0.71 -8.06
C ILE A 186 -8.37 0.51 -9.32
N SER A 187 -8.64 1.30 -10.35
CA SER A 187 -7.82 1.15 -11.59
C SER A 187 -6.38 1.46 -11.36
N LEU A 188 -5.97 2.52 -10.60
CA LEU A 188 -4.60 2.85 -10.23
C LEU A 188 -3.99 1.68 -9.42
N GLU A 189 -4.74 1.19 -8.45
CA GLU A 189 -4.26 0.02 -7.68
C GLU A 189 -4.00 -1.14 -8.63
N ASN A 190 -4.87 -1.44 -9.54
CA ASN A 190 -4.75 -2.55 -10.45
C ASN A 190 -3.44 -2.43 -11.31
N SER A 191 -3.20 -1.16 -11.69
CA SER A 191 -2.15 -0.92 -12.73
C SER A 191 -0.77 -0.40 -12.35
N TRP A 192 -0.40 -0.46 -11.12
CA TRP A 192 0.89 0.05 -10.63
C TRP A 192 2.03 -0.66 -11.36
N SER A 193 1.95 -1.98 -11.36
CA SER A 193 2.98 -2.77 -11.97
C SER A 193 3.22 -2.41 -13.39
N ALA A 194 2.15 -2.48 -14.18
CA ALA A 194 2.17 -2.22 -15.66
C ALA A 194 2.67 -0.82 -15.89
N LEU A 195 2.09 0.16 -15.19
CA LEU A 195 2.59 1.56 -15.37
C LEU A 195 4.06 1.66 -15.02
N SER A 196 4.56 1.06 -13.90
CA SER A 196 5.99 1.17 -13.54
C SER A 196 6.90 0.60 -14.69
N LYS A 197 6.47 -0.53 -15.27
CA LYS A 197 7.32 -1.19 -16.33
C LYS A 197 7.40 -0.23 -17.51
N GLN A 198 6.28 0.32 -17.97
CA GLN A 198 6.15 1.18 -19.17
C GLN A 198 6.95 2.44 -18.94
N ILE A 199 7.02 2.98 -17.76
CA ILE A 199 7.77 4.19 -17.50
C ILE A 199 9.33 3.89 -17.72
N GLN A 200 9.64 2.76 -17.21
CA GLN A 200 11.09 2.35 -17.34
C GLN A 200 11.36 2.17 -18.81
N ILE A 201 10.49 1.46 -19.56
CA ILE A 201 10.75 1.31 -20.99
C ILE A 201 10.81 2.67 -21.67
N ALA A 202 9.85 3.58 -21.30
CA ALA A 202 9.81 4.85 -21.99
C ALA A 202 11.11 5.63 -21.87
N SER A 203 11.82 5.47 -20.83
CA SER A 203 13.10 6.14 -20.59
C SER A 203 14.17 5.80 -21.63
N THR A 204 14.14 4.81 -22.40
CA THR A 204 14.95 4.33 -23.43
C THR A 204 14.26 4.36 -24.77
N ASN A 205 13.10 5.00 -24.85
CA ASN A 205 12.29 5.02 -26.06
C ASN A 205 11.63 6.39 -26.29
N ASN A 206 12.39 7.44 -25.97
CA ASN A 206 12.00 8.82 -26.18
C ASN A 206 10.60 9.15 -25.51
N GLY A 207 10.51 8.68 -24.33
CA GLY A 207 9.29 8.91 -23.50
C GLY A 207 8.04 8.18 -23.96
N GLN A 208 7.99 7.25 -24.85
CA GLN A 208 6.81 6.52 -25.36
C GLN A 208 6.79 5.13 -24.72
N PHE A 209 5.55 4.70 -24.41
CA PHE A 209 5.43 3.35 -23.82
C PHE A 209 5.49 2.35 -25.00
N GLU A 210 5.81 1.16 -24.68
CA GLU A 210 5.81 0.06 -25.64
C GLU A 210 4.41 -0.54 -25.78
N SER A 211 3.69 -0.62 -24.65
CA SER A 211 2.31 -1.14 -24.65
C SER A 211 1.48 -0.11 -23.85
N PRO A 212 0.37 0.35 -24.41
CA PRO A 212 -0.45 1.30 -23.62
C PRO A 212 -1.08 0.64 -22.42
N VAL A 213 -1.42 1.46 -21.42
CA VAL A 213 -2.11 1.11 -20.16
C VAL A 213 -3.51 1.82 -20.18
N VAL A 214 -4.54 1.06 -19.86
CA VAL A 214 -5.92 1.52 -19.79
C VAL A 214 -6.25 1.74 -18.30
N LEU A 215 -6.60 3.02 -18.07
CA LEU A 215 -7.01 3.48 -16.75
C LEU A 215 -8.49 3.94 -16.82
N ILE A 216 -9.04 4.20 -15.67
CA ILE A 216 -10.36 4.71 -15.44
C ILE A 216 -10.09 6.13 -14.76
N ASN A 217 -10.67 7.12 -15.38
CA ASN A 217 -10.47 8.47 -14.83
C ASN A 217 -11.73 8.77 -13.95
N ALA A 218 -11.70 9.98 -13.47
CA ALA A 218 -12.71 10.53 -12.56
C ALA A 218 -14.07 10.62 -13.16
N GLN A 219 -14.28 10.72 -14.41
CA GLN A 219 -15.58 10.74 -15.08
C GLN A 219 -15.97 9.30 -15.39
N ASN A 220 -15.07 8.42 -14.96
CA ASN A 220 -15.46 6.99 -15.19
C ASN A 220 -15.24 6.55 -16.63
N GLN A 221 -14.49 7.37 -17.37
CA GLN A 221 -14.16 6.98 -18.75
C GLN A 221 -12.89 6.12 -18.76
N ARG A 222 -12.89 5.12 -19.70
CA ARG A 222 -11.68 4.30 -19.91
C ARG A 222 -10.65 5.23 -20.60
N VAL A 223 -9.46 5.52 -20.23
CA VAL A 223 -8.51 6.37 -20.95
C VAL A 223 -7.31 5.49 -21.27
N THR A 224 -6.69 5.65 -22.40
CA THR A 224 -5.52 4.92 -22.92
C THR A 224 -4.27 5.76 -22.69
N ILE A 225 -3.37 5.34 -21.83
CA ILE A 225 -2.18 6.14 -21.46
C ILE A 225 -0.95 5.55 -22.25
N THR A 226 -0.28 6.38 -23.00
CA THR A 226 0.80 5.92 -23.89
C THR A 226 2.17 6.55 -23.73
N ASN A 227 2.34 7.47 -22.80
CA ASN A 227 3.67 8.11 -22.72
C ASN A 227 3.72 8.87 -21.39
N VAL A 228 4.90 9.43 -21.17
CA VAL A 228 5.23 10.12 -19.91
C VAL A 228 4.69 11.53 -19.72
N ASP A 229 4.14 12.10 -20.78
CA ASP A 229 3.50 13.42 -20.69
C ASP A 229 2.06 13.27 -20.10
N ALA A 230 1.46 12.16 -19.92
CA ALA A 230 0.09 11.89 -19.38
C ALA A 230 0.07 12.40 -17.89
N GLY A 231 -1.16 12.78 -17.40
CA GLY A 231 -1.19 13.39 -16.08
C GLY A 231 -0.77 12.35 -15.01
N VAL A 232 -1.16 11.09 -15.34
CA VAL A 232 -0.86 10.11 -14.28
C VAL A 232 0.66 9.99 -14.04
N VAL A 233 1.53 10.17 -15.03
CA VAL A 233 2.98 10.08 -14.82
C VAL A 233 3.54 11.38 -14.26
N THR A 234 3.04 12.47 -14.84
CA THR A 234 3.56 13.75 -14.39
C THR A 234 3.20 14.16 -12.98
N SER A 235 1.95 13.84 -12.59
CA SER A 235 1.50 14.45 -11.29
C SER A 235 0.77 13.53 -10.38
N ASN A 236 0.99 12.20 -10.48
CA ASN A 236 0.31 11.29 -9.58
C ASN A 236 1.15 10.21 -9.02
N ILE A 237 1.56 9.29 -9.95
CA ILE A 237 2.40 8.15 -9.43
C ILE A 237 3.60 8.71 -8.70
N ALA A 238 3.92 8.08 -7.56
CA ALA A 238 4.96 8.58 -6.66
C ALA A 238 6.09 7.57 -6.41
N LEU A 239 5.87 6.33 -6.73
CA LEU A 239 6.89 5.26 -6.55
C LEU A 239 6.85 4.32 -7.80
N LEU A 240 8.11 3.86 -8.23
CA LEU A 240 8.02 2.97 -9.40
C LEU A 240 8.52 1.60 -8.95
N LEU A 241 7.92 0.57 -9.35
CA LEU A 241 8.38 -0.86 -8.96
C LEU A 241 9.50 -1.21 -10.01
N ASN A 242 10.59 -1.72 -9.50
CA ASN A 242 11.69 -2.09 -10.48
C ASN A 242 11.19 -3.18 -11.39
N ARG A 243 11.62 -3.09 -12.68
CA ARG A 243 11.29 -4.04 -13.72
C ARG A 243 11.69 -5.47 -13.34
N ASN A 244 12.71 -5.61 -12.53
CA ASN A 244 13.20 -6.92 -12.10
C ASN A 244 12.42 -7.48 -10.88
N ASN A 245 11.55 -6.72 -10.36
CA ASN A 245 10.78 -7.04 -9.16
C ASN A 245 9.35 -7.35 -9.46
N MET A 246 9.04 -7.86 -10.60
CA MET A 246 7.75 -8.29 -11.09
C MET A 246 8.00 -9.74 -11.67
N ALA A 247 8.78 -9.59 -12.70
CA ALA A 247 9.39 -10.43 -13.70
C ALA A 247 8.56 -11.63 -14.10
#